data_3PZY
#
_entry.id   3PZY
#
_cell.length_a   68.650
_cell.length_b   68.650
_cell.length_c   52.830
_cell.angle_alpha   90.000
_cell.angle_beta   90.000
_cell.angle_gamma   120.000
#
_symmetry.space_group_name_H-M   'P 63'
#
loop_
_entity.id
_entity.type
_entity.pdbx_description
1 polymer Mog
2 non-polymer 'PHOSPHATE ION'
3 water water
#
_entity_poly.entity_id   1
_entity_poly.type   'polypeptide(L)'
_entity_poly.pdbx_seq_one_letter_code
;GPGSMTTRSARVIIASTRASSGEYEDRCGPIITEWLAQQGFSSAQPEVVADGSPVGEALRKAIDDDVDVILTSGGTGIAP
TDSTPDQTVAVVDYLIPGLAEAIRRSGLPKVPTSVLSRGVCGVAGQTLIVNLPGSPGGVRDGLGVLAGVLDHALDQLAGK
DHPR
;
_entity_poly.pdbx_strand_id   A
#
# COMPACT_ATOMS: atom_id res chain seq x y z
N THR A 7 4.77 2.45 18.78
CA THR A 7 4.41 1.21 18.00
C THR A 7 5.32 1.11 16.76
N ARG A 8 5.35 -0.10 16.17
CA ARG A 8 5.99 -0.34 14.85
CA ARG A 8 6.06 -0.41 14.93
C ARG A 8 5.23 -1.48 14.17
N SER A 9 3.96 -1.17 13.90
CA SER A 9 3.01 -2.14 13.40
C SER A 9 2.54 -1.84 11.97
N ALA A 10 2.09 -2.89 11.30
CA ALA A 10 1.71 -2.81 9.89
C ALA A 10 0.59 -3.78 9.59
N ARG A 11 -0.20 -3.41 8.59
CA ARG A 11 -1.23 -4.26 8.04
C ARG A 11 -1.03 -4.33 6.52
N VAL A 12 -1.38 -5.47 5.94
CA VAL A 12 -1.21 -5.72 4.53
C VAL A 12 -2.61 -6.08 3.99
N ILE A 13 -2.94 -5.45 2.89
CA ILE A 13 -4.19 -5.75 2.18
C ILE A 13 -3.89 -6.03 0.73
N ILE A 14 -4.32 -7.20 0.27
CA ILE A 14 -4.13 -7.62 -1.13
C ILE A 14 -5.46 -7.49 -1.79
N ALA A 15 -5.53 -6.60 -2.78
CA ALA A 15 -6.78 -6.37 -3.52
C ALA A 15 -6.77 -7.18 -4.80
N SER A 16 -7.53 -8.29 -4.79
CA SER A 16 -7.65 -9.10 -5.97
C SER A 16 -8.86 -10.00 -5.88
N THR A 17 -9.82 -9.76 -6.76
CA THR A 17 -10.99 -10.65 -6.86
C THR A 17 -10.52 -12.05 -7.33
N ARG A 18 -9.62 -12.09 -8.31
CA ARG A 18 -9.01 -13.33 -8.79
C ARG A 18 -8.38 -14.15 -7.64
N ALA A 19 -7.50 -13.52 -6.86
CA ALA A 19 -6.82 -14.22 -5.75
C ALA A 19 -7.77 -14.56 -4.60
N SER A 20 -8.75 -13.69 -4.35
CA SER A 20 -9.65 -13.82 -3.18
C SER A 20 -10.60 -15.00 -3.28
N SER A 21 -10.67 -15.60 -4.46
CA SER A 21 -11.31 -16.91 -4.66
C SER A 21 -10.38 -17.80 -5.49
N ASP A 26 -2.31 -15.58 -4.56
CA ASP A 26 -1.57 -14.35 -4.20
C ASP A 26 -0.08 -14.61 -3.93
N ARG A 27 0.77 -13.97 -4.72
CA ARG A 27 2.22 -14.05 -4.50
C ARG A 27 2.76 -12.77 -3.82
N CYS A 28 2.01 -11.67 -3.90
CA CYS A 28 2.50 -10.41 -3.34
C CYS A 28 2.48 -10.33 -1.81
N GLY A 29 1.47 -10.93 -1.18
CA GLY A 29 1.37 -10.91 0.28
C GLY A 29 2.59 -11.43 1.02
N PRO A 30 3.08 -12.63 0.65
CA PRO A 30 4.25 -13.11 1.35
C PRO A 30 5.50 -12.25 1.14
N ILE A 31 5.64 -11.63 -0.03
CA ILE A 31 6.75 -10.70 -0.30
C ILE A 31 6.68 -9.53 0.66
N ILE A 32 5.48 -8.94 0.78
CA ILE A 32 5.31 -7.80 1.69
C ILE A 32 5.49 -8.16 3.17
N THR A 33 4.95 -9.30 3.60
CA THR A 33 5.10 -9.77 4.96
C THR A 33 6.60 -9.99 5.30
N GLU A 34 7.33 -10.60 4.38
CA GLU A 34 8.77 -10.83 4.57
C GLU A 34 9.52 -9.51 4.72
N TRP A 35 9.19 -8.53 3.86
CA TRP A 35 9.86 -7.24 3.85
C TRP A 35 9.61 -6.49 5.15
N LEU A 36 8.39 -6.55 5.64
CA LEU A 36 8.00 -5.96 6.90
C LEU A 36 8.75 -6.61 8.07
N ALA A 37 8.83 -7.93 8.05
CA ALA A 37 9.61 -8.68 9.04
C ALA A 37 11.05 -8.22 9.01
N GLN A 38 11.66 -8.28 7.81
CA GLN A 38 13.04 -7.84 7.55
C GLN A 38 13.26 -6.45 8.06
N GLN A 39 12.27 -5.55 7.89
CA GLN A 39 12.37 -4.15 8.31
C GLN A 39 11.99 -3.87 9.78
N GLY A 40 11.67 -4.91 10.53
CA GLY A 40 11.37 -4.78 11.96
C GLY A 40 9.92 -4.50 12.34
N PHE A 41 8.97 -4.60 11.39
CA PHE A 41 7.54 -4.40 11.72
C PHE A 41 6.85 -5.68 12.16
N SER A 42 5.92 -5.54 13.11
CA SER A 42 4.95 -6.61 13.43
C SER A 42 3.69 -6.44 12.62
N SER A 43 3.19 -7.52 12.04
CA SER A 43 2.00 -7.45 11.18
C SER A 43 1.16 -8.69 11.37
N ALA A 44 -0.07 -8.63 10.87
CA ALA A 44 -1.01 -9.73 10.98
C ALA A 44 -1.00 -10.44 9.64
N GLN A 45 -1.69 -11.57 9.51
CA GLN A 45 -1.74 -12.26 8.20
C GLN A 45 -2.42 -11.27 7.24
N PRO A 46 -1.88 -11.08 6.03
CA PRO A 46 -2.53 -10.20 5.05
C PRO A 46 -4.00 -10.58 4.78
N GLU A 47 -4.84 -9.55 4.67
CA GLU A 47 -6.22 -9.70 4.30
C GLU A 47 -6.25 -9.68 2.77
N VAL A 48 -6.72 -10.77 2.17
CA VAL A 48 -6.91 -10.86 0.72
C VAL A 48 -8.39 -10.65 0.44
N VAL A 49 -8.69 -9.58 -0.30
CA VAL A 49 -10.08 -9.14 -0.46
C VAL A 49 -10.37 -8.87 -1.92
N ALA A 50 -11.66 -8.87 -2.27
CA ALA A 50 -12.08 -8.54 -3.63
C ALA A 50 -11.96 -7.04 -3.93
N ASP A 51 -11.79 -6.72 -5.20
CA ASP A 51 -11.80 -5.31 -5.64
C ASP A 51 -13.08 -4.59 -5.23
N GLY A 52 -12.92 -3.29 -4.99
CA GLY A 52 -14.02 -2.39 -4.69
C GLY A 52 -14.28 -2.18 -3.21
N SER A 53 -15.54 -2.28 -2.82
CA SER A 53 -15.97 -2.04 -1.43
C SER A 53 -15.20 -2.84 -0.40
N PRO A 54 -14.80 -4.10 -0.71
CA PRO A 54 -14.03 -4.87 0.29
C PRO A 54 -12.66 -4.30 0.61
N VAL A 55 -12.09 -3.58 -0.36
CA VAL A 55 -10.85 -2.83 -0.09
C VAL A 55 -11.07 -1.73 0.94
N GLY A 56 -12.09 -0.90 0.71
CA GLY A 56 -12.54 0.09 1.71
C GLY A 56 -12.79 -0.44 3.10
N GLU A 57 -13.49 -1.57 3.19
CA GLU A 57 -13.78 -2.22 4.50
C GLU A 57 -12.48 -2.66 5.19
N ALA A 58 -11.60 -3.30 4.41
CA ALA A 58 -10.29 -3.73 4.88
C ALA A 58 -9.43 -2.59 5.39
N LEU A 59 -9.46 -1.47 4.66
CA LEU A 59 -8.76 -0.28 5.03
C LEU A 59 -9.29 0.28 6.36
N ARG A 60 -10.61 0.37 6.48
CA ARG A 60 -11.29 0.84 7.69
CA ARG A 60 -11.23 0.89 7.69
C ARG A 60 -10.92 -0.02 8.89
N LYS A 61 -10.92 -1.35 8.68
CA LYS A 61 -10.58 -2.28 9.74
C LYS A 61 -9.16 -2.04 10.21
N ALA A 62 -8.23 -1.86 9.25
CA ALA A 62 -6.84 -1.65 9.55
C ALA A 62 -6.60 -0.31 10.25
N ILE A 63 -7.25 0.75 9.79
CA ILE A 63 -7.09 2.03 10.41
C ILE A 63 -7.60 1.92 11.87
N ASP A 64 -8.70 1.21 12.09
CA ASP A 64 -9.29 1.01 13.46
C ASP A 64 -8.44 0.11 14.41
N ASP A 65 -7.56 -0.69 13.82
CA ASP A 65 -6.51 -1.42 14.54
C ASP A 65 -5.41 -0.48 15.07
N ASP A 66 -5.34 0.76 14.60
CA ASP A 66 -4.42 1.74 15.16
C ASP A 66 -2.94 1.45 14.78
N VAL A 67 -2.68 1.05 13.55
CA VAL A 67 -1.34 0.61 13.17
C VAL A 67 -0.56 1.78 12.55
N ASP A 68 0.76 1.61 12.42
CA ASP A 68 1.59 2.69 11.88
C ASP A 68 1.58 2.80 10.36
N VAL A 69 1.50 1.66 9.68
CA VAL A 69 1.53 1.66 8.20
C VAL A 69 0.62 0.57 7.62
N ILE A 70 -0.11 0.94 6.58
CA ILE A 70 -0.89 -0.01 5.80
C ILE A 70 -0.32 -0.03 4.39
N LEU A 71 0.01 -1.23 3.92
CA LEU A 71 0.49 -1.44 2.57
C LEU A 71 -0.56 -2.24 1.84
N THR A 72 -1.02 -1.70 0.73
CA THR A 72 -1.90 -2.43 -0.19
C THR A 72 -1.15 -2.83 -1.47
N SER A 73 -1.62 -3.93 -2.06
CA SER A 73 -1.13 -4.38 -3.38
C SER A 73 -2.30 -4.76 -4.25
N GLY A 74 -2.25 -4.32 -5.48
CA GLY A 74 -3.25 -4.64 -6.43
C GLY A 74 -4.29 -3.57 -6.66
N GLY A 75 -4.91 -3.62 -7.83
CA GLY A 75 -6.10 -2.85 -8.13
C GLY A 75 -5.82 -1.39 -8.42
N THR A 76 -4.63 -1.09 -8.93
CA THR A 76 -4.22 0.33 -9.12
C THR A 76 -4.13 0.78 -10.57
N GLY A 77 -4.34 -0.13 -11.53
CA GLY A 77 -4.25 0.25 -12.94
C GLY A 77 -5.53 0.94 -13.44
N ILE A 78 -5.78 0.83 -14.75
CA ILE A 78 -6.94 1.49 -15.36
C ILE A 78 -8.03 0.47 -15.82
N ALA A 79 -7.86 -0.79 -15.39
CA ALA A 79 -8.76 -1.89 -15.78
C ALA A 79 -10.07 -1.73 -15.04
N PRO A 80 -11.17 -2.31 -15.55
CA PRO A 80 -12.50 -1.93 -15.02
C PRO A 80 -12.64 -2.00 -13.51
N THR A 81 -12.09 -3.07 -12.91
CA THR A 81 -12.31 -3.34 -11.52
C THR A 81 -11.23 -2.67 -10.61
N ASP A 82 -10.34 -1.81 -11.14
CA ASP A 82 -9.20 -1.24 -10.33
C ASP A 82 -9.56 -0.04 -9.43
N SER A 83 -10.07 -0.27 -8.24
CA SER A 83 -10.58 0.88 -7.48
C SER A 83 -9.83 1.06 -6.17
N THR A 84 -8.72 0.36 -6.01
CA THR A 84 -7.91 0.54 -4.81
C THR A 84 -7.59 2.02 -4.55
N PRO A 85 -7.18 2.77 -5.58
CA PRO A 85 -6.86 4.18 -5.22
C PRO A 85 -8.07 5.01 -4.77
N ASP A 86 -9.22 4.76 -5.39
CA ASP A 86 -10.43 5.45 -5.08
C ASP A 86 -10.91 5.11 -3.65
N GLN A 87 -10.76 3.84 -3.25
CA GLN A 87 -11.14 3.44 -1.91
C GLN A 87 -10.18 4.06 -0.89
N THR A 88 -8.90 4.17 -1.29
CA THR A 88 -7.86 4.75 -0.42
C THR A 88 -8.10 6.27 -0.24
N VAL A 89 -8.39 6.99 -1.33
CA VAL A 89 -8.71 8.44 -1.24
C VAL A 89 -9.83 8.72 -0.22
N ALA A 90 -10.86 7.87 -0.26
CA ALA A 90 -12.04 8.00 0.62
C ALA A 90 -11.78 7.83 2.11
N VAL A 91 -10.64 7.23 2.48
CA VAL A 91 -10.38 7.05 3.91
C VAL A 91 -9.26 7.91 4.47
N VAL A 92 -8.48 8.55 3.62
CA VAL A 92 -7.34 9.31 4.13
C VAL A 92 -7.72 10.76 4.43
N ASP A 93 -6.97 11.36 5.35
CA ASP A 93 -7.11 12.78 5.68
C ASP A 93 -6.43 13.64 4.63
N TYR A 94 -5.34 13.13 4.08
CA TYR A 94 -4.62 13.83 3.04
C TYR A 94 -3.70 12.88 2.32
N LEU A 95 -3.21 13.38 1.18
CA LEU A 95 -2.40 12.59 0.24
C LEU A 95 -0.91 13.10 0.17
N ILE A 96 -0.02 12.21 -0.29
CA ILE A 96 1.44 12.48 -0.37
C ILE A 96 1.79 12.14 -1.85
N PRO A 97 1.56 13.10 -2.76
CA PRO A 97 1.65 12.78 -4.18
C PRO A 97 3.09 12.47 -4.65
N GLY A 98 4.09 13.03 -4.00
CA GLY A 98 5.48 12.76 -4.34
C GLY A 98 5.92 11.35 -4.08
N LEU A 99 5.35 10.72 -3.04
CA LEU A 99 5.71 9.35 -2.75
C LEU A 99 5.08 8.38 -3.76
N ALA A 100 3.82 8.62 -4.12
CA ALA A 100 3.13 7.86 -5.18
C ALA A 100 3.90 8.03 -6.50
N GLU A 101 4.37 9.24 -6.81
CA GLU A 101 5.17 9.42 -8.05
C GLU A 101 6.50 8.66 -8.01
N ALA A 102 7.20 8.72 -6.89
CA ALA A 102 8.43 7.95 -6.68
C ALA A 102 8.25 6.46 -6.91
N ILE A 103 7.16 5.91 -6.35
CA ILE A 103 6.79 4.53 -6.57
C ILE A 103 6.57 4.20 -8.08
N ARG A 104 5.80 5.03 -8.79
CA ARG A 104 5.73 4.88 -10.29
C ARG A 104 7.07 4.88 -11.02
N ARG A 105 7.90 5.84 -10.68
CA ARG A 105 9.13 6.06 -11.37
C ARG A 105 10.10 4.89 -11.09
N SER A 106 9.89 4.20 -9.95
CA SER A 106 10.71 3.02 -9.60
C SER A 106 10.56 1.86 -10.58
N GLY A 107 9.47 1.84 -11.35
CA GLY A 107 9.30 0.84 -12.42
C GLY A 107 9.79 1.24 -13.78
N LEU A 108 10.38 2.42 -13.92
CA LEU A 108 10.85 2.96 -15.19
C LEU A 108 12.37 2.99 -15.24
N PRO A 109 12.97 2.80 -16.44
CA PRO A 109 12.35 2.62 -17.78
C PRO A 109 11.92 1.22 -18.17
N LYS A 110 12.17 0.21 -17.33
CA LYS A 110 11.96 -1.18 -17.71
C LYS A 110 10.49 -1.57 -17.90
N VAL A 111 9.55 -0.99 -17.16
CA VAL A 111 8.15 -1.33 -17.35
C VAL A 111 7.42 -0.03 -17.68
N PRO A 112 7.38 0.36 -18.97
CA PRO A 112 6.78 1.64 -19.38
C PRO A 112 5.37 1.85 -18.81
N THR A 113 4.57 0.78 -18.69
CA THR A 113 3.20 0.89 -18.19
C THR A 113 3.11 1.31 -16.68
N SER A 114 4.27 1.44 -15.99
CA SER A 114 4.30 1.93 -14.61
C SER A 114 3.60 3.27 -14.51
N VAL A 115 3.65 4.07 -15.56
CA VAL A 115 3.03 5.40 -15.52
C VAL A 115 1.49 5.33 -15.46
N LEU A 116 0.90 4.17 -15.75
CA LEU A 116 -0.55 4.05 -15.73
C LEU A 116 -1.08 3.80 -14.33
N SER A 117 -0.19 3.47 -13.37
CA SER A 117 -0.64 3.18 -12.02
C SER A 117 -1.25 4.42 -11.33
N ARG A 118 -2.44 4.25 -10.77
CA ARG A 118 -3.20 5.33 -10.11
CA ARG A 118 -3.15 5.36 -10.12
C ARG A 118 -3.01 5.30 -8.60
N GLY A 119 -2.14 4.42 -8.14
CA GLY A 119 -1.91 4.22 -6.72
C GLY A 119 -1.59 5.55 -6.01
N VAL A 120 -2.14 5.73 -4.80
CA VAL A 120 -1.87 6.89 -3.99
C VAL A 120 -1.22 6.49 -2.68
N CYS A 121 -0.66 7.49 -2.01
CA CYS A 121 -0.16 7.40 -0.68
C CYS A 121 -0.84 8.46 0.14
N GLY A 122 -1.17 8.16 1.37
CA GLY A 122 -1.75 9.19 2.25
C GLY A 122 -1.71 8.84 3.72
N VAL A 123 -2.30 9.71 4.52
CA VAL A 123 -2.35 9.55 5.95
C VAL A 123 -3.80 9.59 6.46
N ALA A 124 -4.12 8.61 7.30
CA ALA A 124 -5.39 8.53 8.01
C ALA A 124 -5.03 8.64 9.46
N GLY A 125 -5.25 9.82 10.05
CA GLY A 125 -4.84 10.05 11.43
C GLY A 125 -3.33 9.97 11.61
N GLN A 126 -2.88 8.95 12.33
CA GLN A 126 -1.46 8.63 12.55
C GLN A 126 -1.01 7.42 11.73
N THR A 127 -1.72 7.10 10.66
CA THR A 127 -1.42 5.85 9.94
C THR A 127 -1.07 6.25 8.55
N LEU A 128 0.08 5.78 8.08
CA LEU A 128 0.52 6.02 6.70
C LEU A 128 -0.01 4.90 5.83
N ILE A 129 -0.62 5.24 4.70
CA ILE A 129 -1.15 4.24 3.76
C ILE A 129 -0.49 4.37 2.38
N VAL A 130 0.02 3.26 1.87
CA VAL A 130 0.76 3.25 0.60
C VAL A 130 0.20 2.19 -0.33
N ASN A 131 -0.26 2.60 -1.51
CA ASN A 131 -0.78 1.68 -2.56
C ASN A 131 0.43 1.22 -3.38
N LEU A 132 0.70 -0.09 -3.41
CA LEU A 132 1.69 -0.67 -4.30
C LEU A 132 1.01 -1.32 -5.47
N PRO A 133 1.76 -1.54 -6.57
CA PRO A 133 1.26 -2.31 -7.74
C PRO A 133 0.86 -3.75 -7.39
N GLY A 134 0.17 -4.41 -8.31
CA GLY A 134 -0.30 -5.76 -8.09
C GLY A 134 0.57 -6.84 -8.67
N SER A 135 1.77 -6.52 -9.12
CA SER A 135 2.69 -7.57 -9.57
C SER A 135 3.86 -7.64 -8.60
N PRO A 136 4.43 -8.84 -8.41
CA PRO A 136 5.58 -8.99 -7.53
C PRO A 136 6.73 -8.05 -7.86
N GLY A 137 7.04 -7.83 -9.13
CA GLY A 137 8.10 -6.90 -9.54
C GLY A 137 7.82 -5.48 -9.11
N GLY A 138 6.58 -5.05 -9.28
CA GLY A 138 6.18 -3.68 -8.97
C GLY A 138 6.23 -3.47 -7.48
N VAL A 139 5.84 -4.51 -6.74
CA VAL A 139 5.79 -4.47 -5.30
C VAL A 139 7.23 -4.32 -4.81
N ARG A 140 8.14 -5.11 -5.36
CA ARG A 140 9.52 -5.01 -4.96
C ARG A 140 10.07 -3.64 -5.29
N ASP A 141 9.71 -3.09 -6.47
CA ASP A 141 10.17 -1.76 -6.89
C ASP A 141 9.68 -0.71 -5.85
N GLY A 142 8.41 -0.82 -5.47
CA GLY A 142 7.81 0.15 -4.51
C GLY A 142 8.37 0.06 -3.11
N LEU A 143 8.58 -1.17 -2.66
CA LEU A 143 9.23 -1.43 -1.39
C LEU A 143 10.67 -0.89 -1.32
N GLY A 144 11.40 -0.92 -2.41
CA GLY A 144 12.73 -0.27 -2.45
C GLY A 144 12.65 1.22 -2.20
N VAL A 145 11.64 1.87 -2.75
CA VAL A 145 11.42 3.29 -2.47
C VAL A 145 11.11 3.54 -1.00
N LEU A 146 10.17 2.79 -0.45
CA LEU A 146 9.82 2.91 0.94
C LEU A 146 11.00 2.65 1.90
N ALA A 147 11.87 1.71 1.53
CA ALA A 147 13.09 1.44 2.30
C ALA A 147 13.85 2.74 2.59
N GLY A 148 13.94 3.63 1.60
CA GLY A 148 14.69 4.88 1.76
C GLY A 148 14.02 5.99 2.55
N VAL A 149 12.72 5.87 2.84
CA VAL A 149 12.00 6.99 3.43
C VAL A 149 11.07 6.64 4.56
N LEU A 150 10.67 5.38 4.66
CA LEU A 150 9.55 5.01 5.52
C LEU A 150 9.79 5.37 6.96
N ASP A 151 10.99 5.06 7.46
CA ASP A 151 11.32 5.37 8.83
C ASP A 151 11.25 6.88 9.10
N HIS A 152 11.86 7.67 8.23
CA HIS A 152 11.77 9.11 8.37
C HIS A 152 10.31 9.60 8.25
N ALA A 153 9.53 8.99 7.35
CA ALA A 153 8.12 9.39 7.17
C ALA A 153 7.32 9.14 8.46
N LEU A 154 7.55 7.99 9.07
CA LEU A 154 6.82 7.69 10.29
C LEU A 154 7.26 8.61 11.43
N ASP A 155 8.56 8.91 11.50
CA ASP A 155 9.04 9.87 12.47
C ASP A 155 8.36 11.25 12.27
N GLN A 156 8.32 11.70 11.02
CA GLN A 156 7.78 13.05 10.74
C GLN A 156 6.30 13.07 11.13
N LEU A 157 5.61 12.01 10.75
CA LEU A 157 4.19 11.84 11.07
C LEU A 157 3.90 11.93 12.56
N ALA A 158 4.79 11.39 13.38
CA ALA A 158 4.63 11.38 14.83
C ALA A 158 5.15 12.65 15.52
N GLY A 159 5.71 13.58 14.76
CA GLY A 159 6.30 14.82 15.29
C GLY A 159 7.71 14.69 15.85
N LYS A 160 8.52 13.81 15.22
CA LYS A 160 9.84 13.39 15.71
C LYS A 160 9.71 12.47 16.93
#